data_3INP
#
_entry.id   3INP
#
_cell.length_a   224.080
_cell.length_b   224.080
_cell.length_c   224.080
_cell.angle_alpha   90.00
_cell.angle_beta   90.00
_cell.angle_gamma   90.00
#
_symmetry.space_group_name_H-M   'F 41 3 2'
#
loop_
_entity.id
_entity.type
_entity.pdbx_description
1 polymer 'D-ribulose-phosphate 3-epimerase'
2 non-polymer 'CHLORIDE ION'
3 non-polymer 'SULFATE ION'
4 water water
#
_entity_poly.entity_id   1
_entity_poly.type   'polypeptide(L)'
_entity_poly.pdbx_seq_one_letter_code
;MHHHHHHSSGVDLGTENLYFQSNAMKHIQINPSILSADLARLGDDVKAVLAAGADNIHFDVMDNHYVPNLTFGPMVLKAL
RDYGITAGMDVHLMVKPVDALIESFAKAGATSIVFHPEASEHIDRSLQLIKSFGIQAGLALNPATGIDCLKYVESNIDRV
LIMSVNPGFGGQKFIPAMLDKAKEISKWISSTDRDILLEIDGGVNPYNIAEIAVCGVNAFVAGSAIFNSDSYKQTIDKMR
DELNKV
;
_entity_poly.pdbx_strand_id   A
#
# COMPACT_ATOMS: atom_id res chain seq x y z
N HIS A 27 14.26 7.89 -0.81
N HIS A 27 14.32 8.58 0.10
CA HIS A 27 13.15 8.82 -1.21
CA HIS A 27 13.29 8.84 -0.95
C HIS A 27 11.80 8.32 -0.71
C HIS A 27 11.93 8.27 -0.52
N ILE A 28 11.13 9.13 0.11
CA ILE A 28 9.83 8.76 0.66
C ILE A 28 8.73 8.83 -0.41
N GLN A 29 7.93 7.77 -0.49
CA GLN A 29 6.86 7.70 -1.47
C GLN A 29 5.55 8.24 -0.94
N ILE A 30 4.83 8.94 -1.82
CA ILE A 30 3.47 9.40 -1.56
C ILE A 30 2.66 8.73 -2.66
N ASN A 31 1.83 7.76 -2.24
CA ASN A 31 1.06 6.90 -3.15
C ASN A 31 -0.44 7.08 -2.93
N PRO A 32 -1.06 7.93 -3.75
CA PRO A 32 -2.48 8.20 -3.57
C PRO A 32 -3.34 6.97 -3.81
N SER A 33 -4.35 6.80 -2.97
CA SER A 33 -5.26 5.69 -3.06
C SER A 33 -6.44 6.09 -3.95
N ILE A 34 -6.59 5.40 -5.08
CA ILE A 34 -7.66 5.75 -6.06
C ILE A 34 -9.08 5.56 -5.58
N LEU A 35 -9.27 4.84 -4.48
CA LEU A 35 -10.58 4.64 -3.92
C LEU A 35 -11.19 5.99 -3.58
N SER A 36 -10.36 6.99 -3.29
CA SER A 36 -10.84 8.34 -2.99
C SER A 36 -10.90 9.26 -4.22
N ALA A 37 -10.43 8.79 -5.37
CA ALA A 37 -10.40 9.60 -6.59
C ALA A 37 -11.78 9.69 -7.28
N ASP A 38 -11.85 10.44 -8.38
CA ASP A 38 -13.09 10.54 -9.14
C ASP A 38 -13.17 9.31 -10.04
N LEU A 39 -13.94 8.32 -9.59
CA LEU A 39 -14.03 7.07 -10.31
C LEU A 39 -14.71 7.20 -11.70
N ALA A 40 -15.41 8.31 -11.92
CA ALA A 40 -16.06 8.58 -13.22
C ALA A 40 -15.08 9.24 -14.23
N ARG A 41 -13.94 9.70 -13.73
CA ARG A 41 -12.92 10.34 -14.56
C ARG A 41 -11.58 9.93 -13.98
N LEU A 42 -11.40 8.62 -13.85
CA LEU A 42 -10.27 8.05 -13.17
C LEU A 42 -8.92 8.32 -13.84
N GLY A 43 -8.83 8.10 -15.14
CA GLY A 43 -7.59 8.33 -15.88
C GLY A 43 -7.13 9.78 -15.70
N ASP A 44 -8.07 10.70 -15.85
CA ASP A 44 -7.82 12.11 -15.71
C ASP A 44 -7.35 12.48 -14.30
N ASP A 45 -8.00 11.89 -13.29
CA ASP A 45 -7.67 12.23 -11.90
C ASP A 45 -6.29 11.66 -11.53
N VAL A 46 -6.00 10.44 -12.01
CA VAL A 46 -4.71 9.79 -11.79
C VAL A 46 -3.57 10.56 -12.47
N LYS A 47 -3.80 10.95 -13.72
CA LYS A 47 -2.80 11.72 -14.47
C LYS A 47 -2.49 13.02 -13.71
N ALA A 48 -3.54 13.67 -13.19
CA ALA A 48 -3.39 14.92 -12.45
C ALA A 48 -2.61 14.73 -11.14
N VAL A 49 -2.91 13.67 -10.39
CA VAL A 49 -2.23 13.48 -9.11
C VAL A 49 -0.74 13.17 -9.32
N LEU A 50 -0.44 12.45 -10.40
CA LEU A 50 0.95 12.14 -10.73
C LEU A 50 1.68 13.40 -11.19
N ALA A 51 1.01 14.24 -11.97
CA ALA A 51 1.61 15.49 -12.42
C ALA A 51 1.85 16.43 -11.23
N ALA A 52 1.08 16.25 -10.16
CA ALA A 52 1.20 17.06 -8.95
C ALA A 52 2.28 16.59 -7.98
N GLY A 53 2.97 15.50 -8.30
CA GLY A 53 4.07 15.02 -7.46
C GLY A 53 3.93 13.64 -6.83
N ALA A 54 2.81 12.95 -7.09
CA ALA A 54 2.62 11.60 -6.52
C ALA A 54 3.61 10.63 -7.16
N ASP A 55 3.93 9.57 -6.45
CA ASP A 55 4.88 8.56 -6.90
C ASP A 55 4.21 7.36 -7.59
N ASN A 56 3.42 6.61 -6.83
CA ASN A 56 2.75 5.43 -7.37
C ASN A 56 1.26 5.53 -7.09
N ILE A 57 0.46 4.77 -7.83
CA ILE A 57 -0.98 4.74 -7.67
C ILE A 57 -1.34 3.50 -6.85
N HIS A 58 -2.14 3.71 -5.82
CA HIS A 58 -2.47 2.63 -4.90
C HIS A 58 -3.91 2.16 -5.04
N PHE A 59 -4.07 0.84 -5.14
CA PHE A 59 -5.35 0.16 -5.29
C PHE A 59 -5.71 -0.66 -4.04
N ASP A 60 -6.75 -0.23 -3.32
CA ASP A 60 -7.25 -0.96 -2.17
C ASP A 60 -8.41 -1.83 -2.70
N VAL A 61 -8.09 -3.09 -2.95
CA VAL A 61 -8.99 -4.07 -3.54
C VAL A 61 -9.74 -4.88 -2.46
N MET A 62 -11.06 -4.81 -2.51
CA MET A 62 -11.89 -5.46 -1.50
C MET A 62 -12.91 -6.37 -2.17
N ASP A 63 -13.12 -7.57 -1.62
CA ASP A 63 -14.05 -8.55 -2.21
C ASP A 63 -15.37 -8.80 -1.46
N ASN A 64 -15.68 -7.94 -0.50
CA ASN A 64 -16.88 -8.02 0.34
C ASN A 64 -16.88 -9.19 1.30
N HIS A 65 -15.82 -9.97 1.32
CA HIS A 65 -15.72 -11.12 2.21
C HIS A 65 -14.63 -10.90 3.29
N TYR A 66 -13.41 -10.60 2.86
CA TYR A 66 -12.34 -10.37 3.85
C TYR A 66 -12.60 -9.07 4.64
N VAL A 67 -13.16 -8.07 3.96
CA VAL A 67 -13.58 -6.80 4.54
C VAL A 67 -14.99 -6.51 4.01
N PRO A 68 -15.78 -5.70 4.74
CA PRO A 68 -17.18 -5.51 4.33
C PRO A 68 -17.47 -4.46 3.25
N ASN A 69 -16.69 -4.43 2.19
CA ASN A 69 -17.05 -3.62 1.01
C ASN A 69 -16.42 -4.25 -0.21
N LEU A 70 -16.83 -3.78 -1.37
CA LEU A 70 -16.38 -4.23 -2.67
C LEU A 70 -15.91 -2.99 -3.42
N THR A 71 -14.71 -3.02 -3.97
CA THR A 71 -14.17 -1.85 -4.64
C THR A 71 -13.96 -2.01 -6.14
N PHE A 72 -12.80 -2.53 -6.55
CA PHE A 72 -12.53 -2.68 -7.97
C PHE A 72 -11.62 -3.83 -8.30
N GLY A 73 -11.84 -4.40 -9.48
CA GLY A 73 -11.11 -5.54 -9.97
C GLY A 73 -9.95 -5.19 -10.89
N PRO A 74 -9.25 -6.22 -11.40
CA PRO A 74 -8.07 -6.04 -12.23
C PRO A 74 -8.34 -5.26 -13.53
N MET A 75 -9.58 -5.31 -14.03
CA MET A 75 -9.90 -4.58 -15.26
C MET A 75 -9.77 -3.06 -15.09
N VAL A 76 -9.92 -2.55 -13.87
CA VAL A 76 -9.75 -1.11 -13.63
C VAL A 76 -8.24 -0.74 -13.77
N LEU A 77 -7.37 -1.60 -13.26
CA LEU A 77 -5.93 -1.37 -13.38
C LEU A 77 -5.53 -1.43 -14.86
N LYS A 78 -6.02 -2.44 -15.57
CA LYS A 78 -5.74 -2.59 -17.01
C LYS A 78 -6.21 -1.35 -17.77
N ALA A 79 -7.38 -0.85 -17.41
CA ALA A 79 -7.93 0.34 -18.05
C ALA A 79 -6.99 1.54 -17.88
N LEU A 80 -6.39 1.66 -16.71
CA LEU A 80 -5.45 2.76 -16.47
C LEU A 80 -4.16 2.56 -17.27
N ARG A 81 -3.71 1.32 -17.44
CA ARG A 81 -2.55 1.05 -18.28
C ARG A 81 -2.87 1.44 -19.72
N ASP A 82 -4.05 1.07 -20.20
CA ASP A 82 -4.45 1.40 -21.58
C ASP A 82 -4.62 2.89 -21.77
N TYR A 83 -4.97 3.61 -20.70
CA TYR A 83 -5.14 5.06 -20.75
C TYR A 83 -3.79 5.75 -20.91
N GLY A 84 -2.71 5.04 -20.57
CA GLY A 84 -1.37 5.57 -20.71
C GLY A 84 -0.65 5.83 -19.40
N ILE A 85 -1.21 5.41 -18.28
CA ILE A 85 -0.53 5.62 -17.01
C ILE A 85 0.64 4.65 -16.93
N THR A 86 1.84 5.17 -16.77
CA THR A 86 3.04 4.35 -16.71
C THR A 86 3.63 4.29 -15.32
N ALA A 87 3.06 5.05 -14.38
CA ALA A 87 3.54 5.05 -13.00
C ALA A 87 3.33 3.68 -12.35
N GLY A 88 4.03 3.43 -11.25
CA GLY A 88 3.87 2.17 -10.52
C GLY A 88 2.43 2.04 -10.05
N MET A 89 1.94 0.80 -10.03
CA MET A 89 0.59 0.51 -9.56
C MET A 89 0.67 -0.57 -8.50
N ASP A 90 0.44 -0.14 -7.25
CA ASP A 90 0.54 -0.97 -6.07
C ASP A 90 -0.82 -1.49 -5.67
N VAL A 91 -0.92 -2.80 -5.58
CA VAL A 91 -2.17 -3.43 -5.25
C VAL A 91 -2.14 -3.99 -3.83
N HIS A 92 -3.14 -3.61 -3.05
CA HIS A 92 -3.36 -4.13 -1.70
C HIS A 92 -4.63 -4.98 -1.77
N LEU A 93 -4.44 -6.29 -1.67
CA LEU A 93 -5.56 -7.23 -1.71
C LEU A 93 -6.16 -7.45 -0.35
N MET A 94 -7.35 -6.88 -0.13
CA MET A 94 -8.13 -7.14 1.07
C MET A 94 -9.23 -8.09 0.61
N VAL A 95 -8.79 -9.28 0.25
CA VAL A 95 -9.62 -10.34 -0.28
C VAL A 95 -9.18 -11.66 0.30
N LYS A 96 -10.06 -12.65 0.21
CA LYS A 96 -9.77 -14.01 0.71
C LYS A 96 -10.69 -14.99 -0.03
N PRO A 97 -10.13 -15.99 -0.73
CA PRO A 97 -8.71 -16.28 -0.90
C PRO A 97 -8.04 -15.30 -1.86
N VAL A 98 -6.75 -15.48 -2.12
CA VAL A 98 -6.02 -14.47 -2.85
C VAL A 98 -5.34 -14.82 -4.15
N ASP A 99 -5.12 -16.11 -4.43
CA ASP A 99 -4.30 -16.48 -5.57
C ASP A 99 -4.85 -16.09 -6.95
N ALA A 100 -6.15 -16.27 -7.18
CA ALA A 100 -6.71 -15.92 -8.48
C ALA A 100 -6.55 -14.42 -8.74
N LEU A 101 -6.77 -13.61 -7.73
CA LEU A 101 -6.63 -12.16 -7.88
C LEU A 101 -5.16 -11.71 -8.01
N ILE A 102 -4.25 -12.43 -7.37
CA ILE A 102 -2.82 -12.15 -7.57
C ILE A 102 -2.51 -12.28 -9.06
N GLU A 103 -3.00 -13.35 -9.69
CA GLU A 103 -2.71 -13.60 -11.07
C GLU A 103 -3.32 -12.58 -12.00
N SER A 104 -4.61 -12.25 -11.78
CA SER A 104 -5.26 -11.29 -12.65
C SER A 104 -4.72 -9.86 -12.47
N PHE A 105 -4.42 -9.43 -11.24
CA PHE A 105 -3.84 -8.10 -11.06
C PHE A 105 -2.42 -8.01 -11.64
N ALA A 106 -1.65 -9.08 -11.51
CA ALA A 106 -0.31 -9.11 -12.09
C ALA A 106 -0.41 -8.99 -13.61
N LYS A 107 -1.28 -9.79 -14.22
CA LYS A 107 -1.43 -9.75 -15.67
C LYS A 107 -1.96 -8.41 -16.16
N ALA A 108 -2.78 -7.74 -15.34
CA ALA A 108 -3.32 -6.43 -15.72
C ALA A 108 -2.25 -5.33 -15.72
N GLY A 109 -1.14 -5.56 -15.00
CA GLY A 109 -0.02 -4.59 -14.99
C GLY A 109 0.42 -4.08 -13.61
N ALA A 110 0.05 -4.78 -12.53
CA ALA A 110 0.47 -4.35 -11.20
C ALA A 110 2.00 -4.39 -11.08
N THR A 111 2.57 -3.47 -10.32
CA THR A 111 4.02 -3.48 -10.08
C THR A 111 4.36 -4.03 -8.69
N SER A 112 3.36 -4.09 -7.81
CA SER A 112 3.53 -4.72 -6.51
C SER A 112 2.17 -5.22 -6.05
N ILE A 113 2.18 -6.31 -5.30
CA ILE A 113 0.98 -6.85 -4.70
C ILE A 113 1.27 -7.29 -3.27
N VAL A 114 0.41 -6.88 -2.35
CA VAL A 114 0.48 -7.33 -0.97
C VAL A 114 -0.89 -7.91 -0.61
N PHE A 115 -0.90 -8.87 0.32
CA PHE A 115 -2.12 -9.51 0.78
C PHE A 115 -1.96 -9.78 2.28
N HIS A 116 -3.07 -10.13 2.93
CA HIS A 116 -3.05 -10.37 4.38
C HIS A 116 -2.75 -11.85 4.66
N PRO A 117 -1.81 -12.12 5.59
CA PRO A 117 -1.45 -13.52 5.91
C PRO A 117 -2.64 -14.40 6.29
N GLU A 118 -3.60 -13.83 7.01
CA GLU A 118 -4.78 -14.55 7.43
C GLU A 118 -5.64 -14.95 6.20
N ALA A 119 -5.43 -14.30 5.06
CA ALA A 119 -6.26 -14.54 3.88
C ALA A 119 -5.80 -15.68 2.99
N SER A 120 -4.65 -16.26 3.29
CA SER A 120 -4.13 -17.36 2.51
C SER A 120 -3.78 -18.51 3.42
N GLU A 121 -4.09 -19.71 2.94
N GLU A 121 -4.15 -19.73 3.06
CA GLU A 121 -3.78 -20.94 3.63
CA GLU A 121 -3.77 -20.86 3.89
C GLU A 121 -2.38 -21.42 3.27
C GLU A 121 -2.33 -21.26 3.60
N HIS A 122 -1.73 -20.71 2.36
N HIS A 122 -1.76 -20.75 2.52
CA HIS A 122 -0.37 -21.04 1.91
CA HIS A 122 -0.38 -21.06 2.17
C HIS A 122 0.35 -19.72 1.65
C HIS A 122 0.35 -19.81 1.70
N ILE A 123 0.68 -19.01 2.72
CA ILE A 123 1.32 -17.71 2.60
C ILE A 123 2.58 -17.69 1.74
N ASP A 124 3.46 -18.63 1.96
CA ASP A 124 4.72 -18.67 1.20
C ASP A 124 4.44 -18.88 -0.29
N ARG A 125 3.53 -19.80 -0.59
CA ARG A 125 3.19 -20.07 -1.98
C ARG A 125 2.59 -18.83 -2.65
N SER A 126 1.71 -18.11 -1.94
CA SER A 126 1.11 -16.90 -2.48
C SER A 126 2.16 -15.80 -2.75
N LEU A 127 3.13 -15.64 -1.86
CA LEU A 127 4.24 -14.67 -2.08
C LEU A 127 5.06 -15.10 -3.31
N GLN A 128 5.37 -16.39 -3.41
CA GLN A 128 6.11 -16.90 -4.55
C GLN A 128 5.34 -16.67 -5.86
N LEU A 129 4.03 -16.84 -5.81
CA LEU A 129 3.21 -16.63 -6.99
C LEU A 129 3.36 -15.19 -7.48
N ILE A 130 3.27 -14.24 -6.55
CA ILE A 130 3.43 -12.81 -6.90
C ILE A 130 4.80 -12.61 -7.56
N LYS A 131 5.84 -13.14 -6.91
CA LYS A 131 7.18 -12.97 -7.43
C LYS A 131 7.42 -13.66 -8.77
N SER A 132 6.62 -14.68 -9.09
CA SER A 132 6.77 -15.39 -10.38
C SER A 132 6.43 -14.45 -11.55
N PHE A 133 5.72 -13.36 -11.26
CA PHE A 133 5.40 -12.37 -12.29
C PHE A 133 6.47 -11.28 -12.42
N GLY A 134 7.57 -11.40 -11.69
CA GLY A 134 8.66 -10.42 -11.77
C GLY A 134 8.33 -9.10 -11.09
N ILE A 135 7.39 -9.11 -10.17
CA ILE A 135 7.00 -7.88 -9.48
C ILE A 135 7.24 -7.99 -7.97
N GLN A 136 7.03 -6.89 -7.24
CA GLN A 136 7.22 -6.87 -5.78
C GLN A 136 6.08 -7.55 -5.04
N ALA A 137 6.43 -8.32 -4.01
CA ALA A 137 5.48 -9.02 -3.16
C ALA A 137 5.65 -8.60 -1.70
N GLY A 138 4.59 -8.77 -0.94
CA GLY A 138 4.65 -8.47 0.47
C GLY A 138 3.38 -8.78 1.20
N LEU A 139 3.36 -8.43 2.48
CA LEU A 139 2.22 -8.69 3.32
C LEU A 139 1.69 -7.40 3.92
N ALA A 140 0.36 -7.38 4.08
CA ALA A 140 -0.36 -6.28 4.70
C ALA A 140 -0.84 -6.78 6.03
N LEU A 141 -0.79 -5.94 7.04
CA LEU A 141 -1.13 -6.34 8.38
C LEU A 141 -2.27 -5.50 8.94
N ASN A 142 -3.32 -6.15 9.38
CA ASN A 142 -4.41 -5.45 10.09
C ASN A 142 -3.86 -4.89 11.41
N PRO A 143 -4.54 -3.91 12.00
CA PRO A 143 -4.07 -3.31 13.23
C PRO A 143 -3.73 -4.30 14.33
N ALA A 144 -4.55 -5.35 14.51
CA ALA A 144 -4.28 -6.35 15.54
C ALA A 144 -3.18 -7.33 15.18
N THR A 145 -2.79 -7.39 13.92
CA THR A 145 -1.83 -8.42 13.48
C THR A 145 -0.37 -8.03 13.75
N GLY A 146 0.34 -8.97 14.36
CA GLY A 146 1.77 -8.81 14.73
C GLY A 146 2.67 -9.14 13.57
N ILE A 147 3.97 -9.14 13.81
CA ILE A 147 4.92 -9.34 12.74
C ILE A 147 5.55 -10.72 12.64
N ASP A 148 5.09 -11.67 13.46
CA ASP A 148 5.62 -13.05 13.40
C ASP A 148 5.44 -13.68 12.02
N CYS A 149 4.41 -13.26 11.29
CA CYS A 149 4.17 -13.82 9.96
C CYS A 149 5.31 -13.52 8.98
N LEU A 150 6.15 -12.53 9.28
CA LEU A 150 7.22 -12.17 8.35
C LEU A 150 8.46 -13.03 8.50
N LYS A 151 8.57 -13.72 9.62
CA LYS A 151 9.82 -14.39 9.94
C LYS A 151 10.34 -15.41 8.96
N TYR A 152 9.48 -16.34 8.56
CA TYR A 152 9.93 -17.43 7.72
C TYR A 152 9.77 -17.23 6.22
N VAL A 153 9.13 -16.14 5.83
CA VAL A 153 8.91 -15.83 4.42
C VAL A 153 9.74 -14.64 3.98
N GLU A 154 10.67 -14.23 4.83
N GLU A 154 10.66 -14.21 4.83
CA GLU A 154 11.53 -13.06 4.63
CA GLU A 154 11.48 -13.01 4.60
C GLU A 154 12.08 -12.90 3.21
C GLU A 154 12.11 -12.88 3.21
N SER A 155 12.58 -13.99 2.64
CA SER A 155 13.17 -13.94 1.30
C SER A 155 12.20 -13.54 0.20
N ASN A 156 10.90 -13.68 0.46
CA ASN A 156 9.88 -13.30 -0.51
C ASN A 156 9.15 -12.01 -0.14
N ILE A 157 9.68 -11.26 0.82
CA ILE A 157 9.08 -9.98 1.25
C ILE A 157 9.86 -8.80 0.70
N ASP A 158 9.22 -8.01 -0.16
CA ASP A 158 9.83 -6.80 -0.75
C ASP A 158 9.27 -5.56 -0.09
N ARG A 159 8.16 -5.74 0.61
CA ARG A 159 7.48 -4.63 1.22
C ARG A 159 6.49 -5.13 2.24
N VAL A 160 6.18 -4.25 3.18
CA VAL A 160 5.21 -4.55 4.21
C VAL A 160 4.27 -3.37 4.26
N LEU A 161 2.98 -3.65 4.39
CA LEU A 161 1.99 -2.61 4.47
C LEU A 161 1.31 -2.67 5.84
N ILE A 162 1.42 -1.58 6.59
CA ILE A 162 0.76 -1.47 7.88
C ILE A 162 -0.59 -0.79 7.66
N MET A 163 -1.67 -1.44 8.08
CA MET A 163 -2.98 -0.79 8.06
C MET A 163 -3.11 0.00 9.38
N SER A 164 -3.43 1.29 9.27
CA SER A 164 -3.57 2.16 10.43
C SER A 164 -5.02 2.60 10.67
N VAL A 165 -5.95 1.91 10.00
CA VAL A 165 -7.39 2.06 10.23
C VAL A 165 -7.94 0.64 10.07
N ASN A 166 -9.14 0.40 10.53
CA ASN A 166 -9.79 -0.90 10.35
C ASN A 166 -10.28 -1.00 8.89
N PRO A 167 -9.58 -1.82 8.07
CA PRO A 167 -9.83 -1.96 6.63
C PRO A 167 -11.30 -2.19 6.24
N GLY A 168 -11.76 -1.41 5.25
CA GLY A 168 -13.11 -1.45 4.75
C GLY A 168 -14.23 -0.91 5.64
N PHE A 169 -13.89 -0.26 6.77
CA PHE A 169 -14.93 0.27 7.68
C PHE A 169 -15.11 1.79 7.61
N GLN A 172 -11.89 6.80 8.93
CA GLN A 172 -11.55 6.69 10.35
C GLN A 172 -10.28 7.47 10.64
N LYS A 173 -9.94 7.53 11.92
CA LYS A 173 -8.75 8.22 12.36
C LYS A 173 -7.60 7.22 12.45
N PHE A 174 -6.40 7.71 12.18
CA PHE A 174 -5.20 6.93 12.29
C PHE A 174 -5.20 6.31 13.70
N ILE A 175 -4.85 5.03 13.80
CA ILE A 175 -4.78 4.31 15.07
C ILE A 175 -3.37 4.51 15.65
N PRO A 176 -3.24 5.33 16.69
CA PRO A 176 -1.90 5.65 17.19
C PRO A 176 -1.04 4.46 17.66
N ALA A 177 -1.66 3.35 18.07
CA ALA A 177 -0.91 2.17 18.47
C ALA A 177 -0.03 1.64 17.34
N MET A 178 -0.30 2.05 16.11
CA MET A 178 0.49 1.59 14.97
C MET A 178 1.88 2.23 14.88
N LEU A 179 2.15 3.30 15.62
CA LEU A 179 3.51 3.88 15.58
C LEU A 179 4.55 2.88 16.10
N ASP A 180 4.22 2.23 17.23
CA ASP A 180 5.14 1.26 17.80
C ASP A 180 5.29 0.06 16.87
N LYS A 181 4.21 -0.33 16.18
CA LYS A 181 4.33 -1.45 15.26
C LYS A 181 5.29 -1.08 14.12
N ALA A 182 5.16 0.14 13.61
CA ALA A 182 6.07 0.60 12.57
C ALA A 182 7.52 0.55 13.07
N LYS A 183 7.75 0.93 14.33
CA LYS A 183 9.09 0.89 14.89
C LYS A 183 9.61 -0.53 14.94
N GLU A 184 8.76 -1.46 15.37
N GLU A 184 8.76 -1.47 15.37
CA GLU A 184 9.16 -2.88 15.45
CA GLU A 184 9.16 -2.87 15.44
C GLU A 184 9.43 -3.49 14.07
C GLU A 184 9.45 -3.47 14.07
N ILE A 185 8.64 -3.12 13.08
CA ILE A 185 8.84 -3.63 11.72
C ILE A 185 10.13 -3.01 11.14
N SER A 186 10.38 -1.72 11.40
CA SER A 186 11.63 -1.08 10.95
C SER A 186 12.83 -1.82 11.49
N LYS A 187 12.79 -2.15 12.78
CA LYS A 187 13.89 -2.90 13.42
C LYS A 187 14.09 -4.24 12.74
N TRP A 188 12.98 -4.95 12.49
CA TRP A 188 13.07 -6.24 11.83
C TRP A 188 13.70 -6.05 10.44
N ILE A 189 13.22 -5.05 9.71
CA ILE A 189 13.74 -4.77 8.37
C ILE A 189 15.26 -4.52 8.43
N SER A 190 15.71 -3.73 9.40
CA SER A 190 17.15 -3.47 9.54
C SER A 190 17.93 -4.75 9.80
N SER A 191 17.38 -5.66 10.59
CA SER A 191 18.05 -6.91 10.90
C SER A 191 18.22 -7.83 9.69
N THR A 192 17.43 -7.62 8.63
CA THR A 192 17.51 -8.49 7.45
C THR A 192 18.58 -8.07 6.45
N ASP A 193 18.99 -6.80 6.48
CA ASP A 193 19.96 -6.28 5.50
C ASP A 193 19.40 -6.20 4.07
N ARG A 194 18.11 -6.52 3.89
N ARG A 194 18.11 -6.52 3.86
CA ARG A 194 17.45 -6.46 2.58
CA ARG A 194 17.52 -6.43 2.55
C ARG A 194 16.76 -5.12 2.44
C ARG A 194 16.73 -5.14 2.44
N ASP A 195 16.45 -4.70 1.22
CA ASP A 195 15.71 -3.45 1.04
C ASP A 195 14.24 -3.84 1.00
N ILE A 196 13.55 -3.49 2.07
CA ILE A 196 12.14 -3.81 2.21
C ILE A 196 11.48 -2.48 2.48
N LEU A 197 10.52 -2.12 1.64
CA LEU A 197 9.77 -0.89 1.80
C LEU A 197 8.78 -1.05 2.95
N LEU A 198 8.67 -0.02 3.80
CA LEU A 198 7.71 -0.04 4.89
C LEU A 198 6.68 1.01 4.56
N GLU A 199 5.45 0.57 4.30
CA GLU A 199 4.36 1.46 3.89
C GLU A 199 3.24 1.47 4.89
N ILE A 200 2.47 2.55 4.91
CA ILE A 200 1.34 2.65 5.83
C ILE A 200 0.12 3.19 5.07
N ASP A 201 -1.06 2.76 5.50
CA ASP A 201 -2.31 3.14 4.85
C ASP A 201 -3.42 3.24 5.87
N GLY A 202 -4.02 4.42 5.97
CA GLY A 202 -5.16 4.64 6.85
C GLY A 202 -5.06 5.92 7.66
N GLY A 203 -5.85 6.91 7.28
CA GLY A 203 -5.91 8.17 7.98
C GLY A 203 -4.66 9.04 7.93
N VAL A 204 -3.83 8.85 6.91
CA VAL A 204 -2.62 9.68 6.76
C VAL A 204 -2.98 11.05 6.21
N ASN A 205 -2.42 12.09 6.80
CA ASN A 205 -2.66 13.44 6.35
C ASN A 205 -1.41 14.28 6.66
N PRO A 206 -1.37 15.54 6.21
CA PRO A 206 -0.18 16.38 6.43
C PRO A 206 0.17 16.65 7.88
N TYR A 207 -0.79 16.46 8.79
CA TYR A 207 -0.60 16.79 10.19
C TYR A 207 -0.04 15.66 11.03
N ASN A 208 -0.16 14.43 10.54
CA ASN A 208 0.40 13.30 11.27
C ASN A 208 1.49 12.55 10.51
N ILE A 209 1.79 12.97 9.29
CA ILE A 209 2.74 12.22 8.45
C ILE A 209 4.18 12.21 8.98
N ALA A 210 4.64 13.33 9.53
CA ALA A 210 6.00 13.40 10.10
C ALA A 210 6.14 12.48 11.31
N GLU A 211 5.10 12.42 12.14
CA GLU A 211 5.11 11.58 13.33
C GLU A 211 5.17 10.10 12.96
N ILE A 212 4.59 9.73 11.81
CA ILE A 212 4.64 8.35 11.35
C ILE A 212 5.99 8.07 10.72
N ALA A 213 6.48 9.01 9.93
CA ALA A 213 7.78 8.85 9.28
C ALA A 213 8.99 8.66 10.26
N VAL A 214 8.98 9.33 11.42
N VAL A 214 8.94 9.30 11.43
CA VAL A 214 10.10 9.15 12.39
CA VAL A 214 10.03 9.20 12.40
C VAL A 214 10.15 7.73 12.94
C VAL A 214 10.11 7.78 12.99
N CYS A 215 9.07 6.97 12.74
CA CYS A 215 9.02 5.57 13.19
C CYS A 215 9.56 4.58 12.16
N GLY A 216 10.10 5.08 11.05
CA GLY A 216 10.69 4.21 10.02
C GLY A 216 9.87 3.95 8.74
N VAL A 217 8.66 4.49 8.67
CA VAL A 217 7.81 4.35 7.48
C VAL A 217 8.38 5.16 6.29
N ASN A 218 8.54 4.52 5.12
CA ASN A 218 9.11 5.18 3.91
C ASN A 218 8.11 5.40 2.80
N ALA A 219 6.90 4.87 2.94
CA ALA A 219 5.88 5.02 1.89
C ALA A 219 4.53 5.27 2.55
N PHE A 220 3.80 6.23 1.99
CA PHE A 220 2.54 6.66 2.57
C PHE A 220 1.41 6.63 1.57
N VAL A 221 0.37 5.88 1.92
CA VAL A 221 -0.82 5.84 1.11
C VAL A 221 -1.75 6.88 1.70
N ALA A 222 -2.24 7.77 0.85
CA ALA A 222 -3.20 8.76 1.29
C ALA A 222 -4.31 8.83 0.25
N GLY A 223 -5.55 8.84 0.71
CA GLY A 223 -6.70 8.94 -0.16
C GLY A 223 -7.34 10.30 -0.02
N SER A 224 -8.21 10.39 0.96
CA SER A 224 -8.98 11.59 1.27
C SER A 224 -8.13 12.87 1.38
N ALA A 225 -7.04 12.80 2.15
CA ALA A 225 -6.16 13.95 2.36
C ALA A 225 -5.71 14.58 1.05
N ILE A 226 -5.51 13.76 0.01
CA ILE A 226 -5.07 14.27 -1.29
C ILE A 226 -6.23 14.52 -2.26
N PHE A 227 -7.02 13.50 -2.54
CA PHE A 227 -8.10 13.63 -3.51
C PHE A 227 -9.24 14.56 -3.14
N ASN A 228 -9.47 14.81 -1.85
CA ASN A 228 -10.53 15.75 -1.47
C ASN A 228 -10.00 17.16 -1.22
N SER A 229 -8.72 17.41 -1.47
CA SER A 229 -8.16 18.75 -1.24
C SER A 229 -8.30 19.61 -2.50
N ASP A 230 -8.30 20.92 -2.30
CA ASP A 230 -8.43 21.89 -3.39
C ASP A 230 -7.28 21.84 -4.38
N SER A 231 -6.08 21.53 -3.89
CA SER A 231 -4.90 21.49 -4.76
C SER A 231 -4.03 20.30 -4.44
N TYR A 232 -3.97 19.35 -5.37
CA TYR A 232 -3.14 18.16 -5.13
C TYR A 232 -1.69 18.56 -4.91
N LYS A 233 -1.20 19.45 -5.76
CA LYS A 233 0.17 19.98 -5.70
C LYS A 233 0.53 20.56 -4.32
N GLN A 234 -0.33 21.42 -3.78
CA GLN A 234 -0.06 22.04 -2.49
C GLN A 234 -0.11 21.04 -1.35
N THR A 235 -1.04 20.09 -1.42
CA THR A 235 -1.13 19.08 -0.39
C THR A 235 0.11 18.20 -0.42
N ILE A 236 0.51 17.76 -1.60
CA ILE A 236 1.68 16.90 -1.74
C ILE A 236 2.95 17.66 -1.33
N ASP A 237 3.02 18.94 -1.67
CA ASP A 237 4.17 19.78 -1.25
C ASP A 237 4.23 19.91 0.27
N LYS A 238 3.08 20.11 0.92
CA LYS A 238 3.05 20.21 2.39
C LYS A 238 3.57 18.92 3.00
N MET A 239 3.15 17.79 2.43
CA MET A 239 3.60 16.49 2.92
C MET A 239 5.10 16.35 2.77
N ARG A 240 5.62 16.68 1.59
CA ARG A 240 7.06 16.61 1.31
C ARG A 240 7.86 17.47 2.30
N ASP A 241 7.34 18.65 2.61
CA ASP A 241 7.99 19.58 3.53
C ASP A 241 8.15 19.00 4.93
N GLU A 242 7.09 18.37 5.44
CA GLU A 242 7.13 17.73 6.76
C GLU A 242 8.13 16.56 6.72
N LEU A 243 8.05 15.74 5.67
CA LEU A 243 8.94 14.57 5.51
C LEU A 243 10.43 14.90 5.38
N ASN A 244 10.74 16.03 4.76
CA ASN A 244 12.12 16.46 4.55
C ASN A 244 12.81 16.81 5.88
N LYS A 245 12.03 17.08 6.92
CA LYS A 245 12.56 17.47 8.23
C LYS A 245 12.70 16.29 9.22
N VAL A 246 12.28 15.09 8.83
CA VAL A 246 12.39 13.94 9.72
C VAL A 246 13.83 13.41 9.81
#